data_5MT0
#
_entry.id   5MT0
#
_cell.length_a   55.477
_cell.length_b   49.527
_cell.length_c   39.263
_cell.angle_alpha   90.00
_cell.angle_beta   106.36
_cell.angle_gamma   90.00
#
_symmetry.space_group_name_H-M   'P 1 21 1'
#
loop_
_entity.id
_entity.type
_entity.pdbx_description
1 polymer 'Complement factor D'
2 non-polymer '5-fluoranyl-3-[[(1~{S},2~{S})-2-phenylcyclopropyl]carbonylamino]-1~{H}-indole-2-carboxylic acid'
3 non-polymer 'SULFATE ION'
4 water water
#
_entity_poly.entity_id   1
_entity_poly.type   'polypeptide(L)'
_entity_poly.pdbx_seq_one_letter_code
;ILGGREAEAHARPYMASVQLNGAHLCGGVLVAEQWVLSAAHCLEDAADGKVQVLLGAHSLSQPEPSKRLYDVLRAVPHPD
SQPDTIDHDLLLLQLSEKATLGPAVRPLPWQRVDRDVAPGTLCDVAGWGIVNHAGRRPDSLQHVLLPVLDRATCNRRTHH
DGAITERLMCAESNRRDSCKGDSGGPLVCGGVLEGVVTSGSRVCGNRKKPGIYTRVASYAAWIDSVLASAAA
;
_entity_poly.pdbx_strand_id   A
#
loop_
_chem_comp.id
_chem_comp.type
_chem_comp.name
_chem_comp.formula
QJS non-polymer '5-fluoranyl-3-[[(1~{S},2~{S})-2-phenylcyclopropyl]carbonylamino]-1~{H}-indole-2-carboxylic acid' 'C19 H15 F N2 O3'
SO4 non-polymer 'SULFATE ION' 'O4 S -2'
#
# COMPACT_ATOMS: atom_id res chain seq x y z
N ILE A 1 6.22 2.16 -9.23
CA ILE A 1 5.18 3.05 -9.93
C ILE A 1 5.57 3.24 -11.37
N LEU A 2 4.68 2.84 -12.28
CA LEU A 2 4.94 3.09 -13.70
C LEU A 2 4.28 4.45 -14.07
N GLY A 3 4.93 5.23 -14.94
CA GLY A 3 4.30 6.46 -15.43
C GLY A 3 4.17 7.61 -14.44
N GLY A 4 4.88 7.51 -13.30
CA GLY A 4 4.81 8.53 -12.29
C GLY A 4 5.98 9.47 -12.33
N ARG A 5 6.22 10.10 -11.21
CA ARG A 5 7.27 11.11 -11.00
C ARG A 5 7.81 11.06 -9.62
N GLU A 6 8.95 11.68 -9.35
CA GLU A 6 9.55 11.68 -8.04
C GLU A 6 8.64 12.47 -7.10
N ALA A 7 8.34 11.88 -5.95
CA ALA A 7 7.54 12.56 -4.97
C ALA A 7 8.36 13.66 -4.30
N GLU A 8 7.63 14.65 -3.82
CA GLU A 8 8.19 15.69 -3.01
C GLU A 8 8.72 15.07 -1.69
N ALA A 9 9.98 15.23 -1.37
CA ALA A 9 10.60 14.55 -0.22
C ALA A 9 9.84 14.90 1.08
N HIS A 10 9.34 13.86 1.81
CA HIS A 10 8.65 14.00 3.09
C HIS A 10 7.29 14.65 3.04
N ALA A 11 6.72 14.80 1.85
CA ALA A 11 5.35 15.40 1.74
C ALA A 11 4.26 14.39 2.06
N ARG A 12 4.62 13.12 2.22
CA ARG A 12 3.69 12.00 2.52
C ARG A 12 4.25 11.39 3.77
N PRO A 13 4.06 12.02 4.97
CA PRO A 13 4.80 11.60 6.17
C PRO A 13 4.28 10.29 6.72
N TYR A 14 3.18 9.79 6.18
CA TYR A 14 2.64 8.48 6.56
C TYR A 14 3.25 7.37 5.77
N MET A 15 4.08 7.64 4.78
CA MET A 15 4.55 6.55 3.91
C MET A 15 5.58 5.66 4.64
N ALA A 16 5.45 4.34 4.47
CA ALA A 16 6.40 3.42 5.08
C ALA A 16 7.00 2.52 4.02
N SER A 17 8.24 2.11 4.22
CA SER A 17 8.86 1.01 3.45
C SER A 17 8.92 -0.20 4.37
N VAL A 18 8.20 -1.26 4.02
CA VAL A 18 8.29 -2.52 4.76
C VAL A 18 9.45 -3.31 4.14
N GLN A 19 10.36 -3.68 5.04
CA GLN A 19 11.64 -4.25 4.61
C GLN A 19 11.80 -5.65 5.17
N LEU A 20 12.48 -6.47 4.40
CA LEU A 20 12.74 -7.86 4.85
C LEU A 20 14.23 -8.06 4.68
N ASN A 21 14.92 -8.42 5.78
CA ASN A 21 16.35 -8.59 5.76
C ASN A 21 16.96 -7.46 5.00
N GLY A 22 16.69 -6.09 5.49
CA GLY A 22 17.26 -4.80 5.09
C GLY A 22 16.91 -4.33 3.67
N ALA A 23 16.10 -5.07 2.91
CA ALA A 23 15.72 -4.63 1.57
C ALA A 23 14.23 -4.23 1.52
N HIS A 24 13.93 -3.15 0.80
CA HIS A 24 12.50 -2.81 0.53
C HIS A 24 11.77 -4.00 -0.08
N LEU A 25 10.60 -4.32 0.46
CA LEU A 25 9.75 -5.35 -0.05
C LEU A 25 8.42 -4.77 -0.52
N CYS A 26 7.77 -4.00 0.31
CA CYS A 26 6.41 -3.51 0.02
C CYS A 26 6.24 -2.16 0.61
N GLY A 27 5.26 -1.45 0.15
CA GLY A 27 4.84 -0.24 0.82
C GLY A 27 4.03 -0.54 2.04
N GLY A 28 3.78 0.51 2.79
CA GLY A 28 2.88 0.50 3.98
C GLY A 28 2.49 1.89 4.33
N VAL A 29 1.61 2.01 5.31
CA VAL A 29 1.12 3.30 5.73
C VAL A 29 0.98 3.32 7.25
N LEU A 30 1.57 4.39 7.82
CA LEU A 30 1.44 4.61 9.27
C LEU A 30 0.02 5.03 9.60
N VAL A 31 -0.67 4.23 10.37
CA VAL A 31 -2.13 4.47 10.68
C VAL A 31 -2.36 4.82 12.14
N ALA A 32 -1.36 4.60 12.98
CA ALA A 32 -1.45 4.96 14.41
C ALA A 32 -0.02 5.17 14.83
N GLU A 33 0.21 5.59 16.07
CA GLU A 33 1.57 5.92 16.44
C GLU A 33 2.50 4.68 16.43
N GLN A 34 1.91 3.49 16.68
CA GLN A 34 2.76 2.28 16.78
C GLN A 34 2.41 1.24 15.70
N TRP A 35 1.63 1.60 14.65
CA TRP A 35 1.09 0.58 13.77
C TRP A 35 1.17 1.06 12.31
N VAL A 36 1.66 0.13 11.47
CA VAL A 36 1.75 0.35 10.04
C VAL A 36 0.84 -0.73 9.37
N LEU A 37 0.03 -0.29 8.44
CA LEU A 37 -0.85 -1.14 7.67
C LEU A 37 -0.17 -1.43 6.30
N SER A 38 -0.22 -2.69 5.86
CA SER A 38 0.31 -3.10 4.60
C SER A 38 -0.51 -4.27 4.08
N ALA A 39 0.05 -5.03 3.14
CA ALA A 39 -0.64 -6.21 2.52
C ALA A 39 -0.07 -7.51 3.05
N ALA A 40 -0.93 -8.51 3.22
CA ALA A 40 -0.51 -9.80 3.73
C ALA A 40 0.39 -10.64 2.80
N HIS A 41 0.17 -10.59 1.50
CA HIS A 41 0.99 -11.51 0.66
C HIS A 41 2.44 -11.15 0.80
N CYS A 42 2.72 -9.86 1.01
CA CYS A 42 4.13 -9.39 1.12
C CYS A 42 4.93 -10.27 2.03
N LEU A 43 4.34 -10.68 3.15
CA LEU A 43 5.08 -11.45 4.10
C LEU A 43 4.69 -12.87 4.27
N GLU A 44 3.79 -13.37 3.43
CA GLU A 44 3.22 -14.73 3.68
C GLU A 44 4.30 -15.83 3.64
N ASP A 45 5.41 -15.63 2.88
CA ASP A 45 6.43 -16.68 2.83
C ASP A 45 7.72 -16.14 3.52
N ALA A 46 7.61 -15.12 4.36
CA ALA A 46 8.79 -14.46 4.91
C ALA A 46 9.44 -15.33 6.04
N ALA A 47 8.75 -16.37 6.53
CA ALA A 47 9.34 -17.31 7.51
C ALA A 47 9.82 -16.47 8.70
N ASP A 48 11.07 -16.72 9.12
CA ASP A 48 11.72 -15.97 10.21
C ASP A 48 12.66 -14.90 9.77
N GLY A 49 12.44 -14.41 8.53
CA GLY A 49 13.19 -13.20 8.04
C GLY A 49 12.96 -11.99 8.91
N LYS A 50 13.93 -11.08 8.95
CA LYS A 50 13.77 -9.93 9.83
C LYS A 50 12.92 -8.86 9.15
N VAL A 51 11.78 -8.50 9.74
CA VAL A 51 10.90 -7.47 9.16
C VAL A 51 11.17 -6.17 9.88
N GLN A 52 11.37 -5.10 9.15
CA GLN A 52 11.50 -3.78 9.72
C GLN A 52 10.63 -2.81 8.93
N VAL A 53 10.46 -1.64 9.52
CA VAL A 53 9.68 -0.60 8.79
C VAL A 53 10.51 0.68 8.79
N LEU A 54 10.75 1.23 7.61
CA LEU A 54 11.46 2.46 7.49
C LEU A 54 10.45 3.61 7.40
N LEU A 55 10.48 4.54 8.34
CA LEU A 55 9.61 5.73 8.35
C LEU A 55 10.47 6.99 8.14
N GLY A 56 9.80 8.05 7.70
CA GLY A 56 10.42 9.38 7.55
C GLY A 56 11.34 9.42 6.34
N ALA A 57 11.27 8.46 5.42
CA ALA A 57 12.20 8.34 4.32
C ALA A 57 11.74 8.97 3.04
N HIS A 58 12.72 9.37 2.25
CA HIS A 58 12.62 9.66 0.86
C HIS A 58 13.46 8.70 0.02
N SER A 59 14.80 8.75 0.26
CA SER A 59 15.75 7.84 -0.28
C SER A 59 15.78 6.60 0.57
N LEU A 60 15.83 5.46 -0.06
CA LEU A 60 16.07 4.20 0.64
C LEU A 60 17.52 4.10 1.15
N SER A 61 18.48 4.78 0.54
CA SER A 61 19.86 4.49 0.83
C SER A 61 20.59 5.63 1.55
N GLN A 62 20.12 6.86 1.40
CA GLN A 62 20.85 8.01 1.96
C GLN A 62 20.36 8.44 3.31
N PRO A 63 21.28 9.02 4.14
CA PRO A 63 20.79 9.40 5.50
C PRO A 63 19.93 10.66 5.38
N GLU A 64 18.91 10.74 6.20
CA GLU A 64 18.06 11.91 6.25
C GLU A 64 17.71 12.02 7.73
N PRO A 65 17.56 13.24 8.24
CA PRO A 65 17.29 13.48 9.68
C PRO A 65 16.08 12.77 10.24
N SER A 66 15.02 12.67 9.41
CA SER A 66 13.77 12.05 9.81
C SER A 66 13.70 10.53 9.63
N LYS A 67 14.68 9.98 8.91
CA LYS A 67 14.64 8.56 8.56
C LYS A 67 14.93 7.70 9.74
N ARG A 68 14.10 6.69 10.01
CA ARG A 68 14.35 5.77 11.12
C ARG A 68 13.83 4.44 10.73
N LEU A 69 14.66 3.45 10.95
CA LEU A 69 14.27 2.08 10.70
C LEU A 69 13.82 1.42 11.97
N TYR A 70 12.54 1.05 12.07
CA TYR A 70 11.97 0.46 13.26
C TYR A 70 11.94 -1.04 13.19
N ASP A 71 12.21 -1.69 14.30
CA ASP A 71 11.88 -3.11 14.42
C ASP A 71 10.40 -3.33 14.67
N VAL A 72 10.02 -4.57 14.48
CA VAL A 72 8.61 -4.95 14.58
C VAL A 72 8.41 -5.94 15.72
N LEU A 73 7.50 -5.59 16.59
CA LEU A 73 7.13 -6.48 17.72
C LEU A 73 6.27 -7.63 17.27
N ARG A 74 5.31 -7.34 16.41
CA ARG A 74 4.31 -8.27 15.93
C ARG A 74 3.88 -7.99 14.49
N ALA A 75 3.73 -9.05 13.67
CA ALA A 75 3.11 -8.91 12.35
C ALA A 75 1.80 -9.68 12.44
N VAL A 76 0.72 -9.03 12.03
CA VAL A 76 -0.63 -9.57 12.18
C VAL A 76 -1.36 -9.60 10.83
N PRO A 77 -1.19 -10.67 10.08
CA PRO A 77 -1.96 -10.80 8.84
C PRO A 77 -3.44 -10.94 9.12
N HIS A 78 -4.29 -10.51 8.19
CA HIS A 78 -5.74 -10.71 8.38
C HIS A 78 -6.02 -12.25 8.49
N PRO A 79 -6.79 -12.69 9.49
CA PRO A 79 -6.96 -14.16 9.68
C PRO A 79 -7.64 -14.83 8.47
N ASP A 80 -8.37 -14.10 7.61
CA ASP A 80 -9.04 -14.69 6.47
C ASP A 80 -8.19 -14.60 5.21
N SER A 81 -6.97 -14.02 5.28
CA SER A 81 -6.12 -13.96 4.09
C SER A 81 -5.62 -15.37 3.74
N GLN A 82 -5.32 -15.61 2.47
CA GLN A 82 -4.85 -16.92 2.04
C GLN A 82 -3.93 -16.71 0.88
N PRO A 83 -2.90 -17.53 0.73
CA PRO A 83 -2.02 -17.42 -0.48
C PRO A 83 -2.84 -17.51 -1.75
N ASP A 84 -2.53 -16.79 -2.79
CA ASP A 84 -3.42 -17.26 -4.02
C ASP A 84 -4.92 -16.80 -4.02
N THR A 85 -5.36 -16.04 -3.00
CA THR A 85 -6.60 -15.23 -3.18
C THR A 85 -6.22 -13.74 -3.03
N ILE A 86 -7.07 -12.86 -3.53
CA ILE A 86 -6.85 -11.41 -3.44
C ILE A 86 -7.66 -10.85 -2.24
N ASP A 87 -8.39 -11.73 -1.57
CA ASP A 87 -9.29 -11.18 -0.53
C ASP A 87 -8.68 -11.03 0.82
N HIS A 88 -9.13 -10.00 1.55
CA HIS A 88 -8.65 -9.83 2.94
C HIS A 88 -7.14 -9.63 3.01
N ASP A 89 -6.55 -8.92 2.01
CA ASP A 89 -5.09 -8.93 1.89
C ASP A 89 -4.47 -7.77 2.70
N LEU A 90 -4.62 -7.78 4.00
CA LEU A 90 -4.20 -6.76 4.90
C LEU A 90 -3.30 -7.35 5.94
N LEU A 91 -2.37 -6.53 6.44
CA LEU A 91 -1.40 -6.93 7.43
C LEU A 91 -1.12 -5.75 8.34
N LEU A 92 -1.14 -5.92 9.66
CA LEU A 92 -0.76 -4.86 10.57
C LEU A 92 0.57 -5.17 11.21
N LEU A 93 1.48 -4.20 11.25
CA LEU A 93 2.79 -4.35 11.88
C LEU A 93 2.83 -3.43 13.07
N GLN A 94 3.09 -4.05 14.23
CA GLN A 94 3.25 -3.26 15.45
C GLN A 94 4.73 -2.94 15.60
N LEU A 95 5.06 -1.65 15.58
CA LEU A 95 6.45 -1.25 15.77
C LEU A 95 6.89 -1.55 17.19
N SER A 96 8.21 -1.70 17.35
CA SER A 96 8.79 -1.99 18.71
C SER A 96 8.52 -0.87 19.67
N GLU A 97 8.33 0.34 19.21
CA GLU A 97 7.99 1.43 20.07
C GLU A 97 7.18 2.40 19.23
N LYS A 98 6.43 3.31 19.85
CA LYS A 98 5.73 4.35 19.15
C LYS A 98 6.71 5.15 18.28
N ALA A 99 6.30 5.48 17.06
CA ALA A 99 7.13 6.26 16.17
C ALA A 99 7.31 7.68 16.74
N THR A 100 8.49 8.21 16.56
CA THR A 100 8.73 9.64 16.84
C THR A 100 8.08 10.50 15.76
N LEU A 101 7.11 11.31 16.13
CA LEU A 101 6.31 12.05 15.13
C LEU A 101 6.93 13.37 14.90
N GLY A 102 6.65 13.91 13.74
CA GLY A 102 7.06 15.29 13.41
C GLY A 102 6.57 15.57 12.03
N PRO A 103 7.18 16.61 11.34
CA PRO A 103 6.63 16.96 10.06
C PRO A 103 6.84 15.88 8.96
N ALA A 104 7.80 14.96 9.14
CA ALA A 104 8.09 13.97 8.14
C ALA A 104 7.60 12.59 8.56
N VAL A 105 7.01 12.50 9.75
CA VAL A 105 6.45 11.17 10.22
C VAL A 105 5.13 11.44 10.94
N ARG A 106 4.03 11.03 10.36
CA ARG A 106 2.71 11.34 10.94
C ARG A 106 1.71 10.28 10.42
N PRO A 107 0.88 9.72 11.32
CA PRO A 107 -0.14 8.81 10.81
C PRO A 107 -1.13 9.50 9.88
N LEU A 108 -1.68 8.73 8.96
CA LEU A 108 -2.68 9.23 8.03
C LEU A 108 -4.05 8.85 8.53
N PRO A 109 -4.99 9.81 8.65
CA PRO A 109 -6.36 9.43 8.96
C PRO A 109 -6.92 8.45 7.92
N TRP A 110 -7.75 7.51 8.36
CA TRP A 110 -8.20 6.49 7.47
C TRP A 110 -9.72 6.38 7.46
N GLN A 111 -10.27 5.93 6.36
CA GLN A 111 -11.72 5.97 6.13
C GLN A 111 -12.42 4.90 6.92
N ARG A 112 -13.44 5.33 7.67
CA ARG A 112 -14.39 4.36 8.26
C ARG A 112 -15.77 4.32 7.68
N VAL A 113 -16.11 5.31 6.89
CA VAL A 113 -17.45 5.32 6.32
C VAL A 113 -17.43 4.31 5.18
N ASP A 114 -18.26 3.25 5.27
CA ASP A 114 -18.21 2.18 4.30
C ASP A 114 -19.12 2.47 3.16
N ARG A 115 -18.72 3.40 2.28
CA ARG A 115 -19.45 3.79 1.08
C ARG A 115 -18.37 4.03 0.01
N ASP A 116 -18.73 3.83 -1.26
CA ASP A 116 -17.79 3.96 -2.38
C ASP A 116 -17.27 5.39 -2.55
N VAL A 117 -15.98 5.54 -2.85
CA VAL A 117 -15.38 6.75 -3.40
C VAL A 117 -16.13 7.05 -4.81
N ALA A 118 -16.53 8.30 -5.13
CA ALA A 118 -17.16 8.61 -6.43
C ALA A 118 -16.21 8.15 -7.55
N PRO A 119 -16.76 7.58 -8.64
CA PRO A 119 -15.98 7.24 -9.82
C PRO A 119 -15.23 8.46 -10.28
N GLY A 120 -13.99 8.26 -10.72
CA GLY A 120 -13.20 9.30 -11.25
C GLY A 120 -12.47 10.14 -10.22
N THR A 121 -12.73 9.95 -8.94
CA THR A 121 -12.00 10.67 -7.91
C THR A 121 -10.52 10.43 -8.10
N LEU A 122 -9.75 11.48 -8.07
CA LEU A 122 -8.31 11.36 -8.26
C LEU A 122 -7.62 11.02 -6.95
N CYS A 123 -6.95 9.89 -6.85
CA CYS A 123 -6.33 9.49 -5.59
C CYS A 123 -4.85 9.31 -5.83
N ASP A 124 -4.05 9.43 -4.79
CA ASP A 124 -2.60 9.38 -4.93
C ASP A 124 -2.12 8.04 -4.46
N VAL A 125 -1.17 7.43 -5.19
CA VAL A 125 -0.49 6.23 -4.74
C VAL A 125 1.02 6.50 -4.86
N ALA A 126 1.77 6.10 -3.89
CA ALA A 126 3.21 6.29 -3.87
C ALA A 126 3.86 4.99 -3.57
N GLY A 127 5.13 4.87 -4.00
CA GLY A 127 5.93 3.71 -3.63
C GLY A 127 7.33 3.70 -4.20
N TRP A 128 8.04 2.71 -3.74
CA TRP A 128 9.39 2.46 -4.22
C TRP A 128 9.48 1.22 -5.17
N GLY A 129 8.33 0.81 -5.76
CA GLY A 129 8.33 -0.27 -6.69
C GLY A 129 8.92 0.05 -8.04
N ILE A 130 8.93 -0.95 -8.91
CA ILE A 130 9.62 -0.84 -10.22
C ILE A 130 9.02 0.26 -11.05
N VAL A 131 9.91 0.83 -11.87
CA VAL A 131 9.50 1.99 -12.66
C VAL A 131 9.54 1.75 -14.17
N ASN A 132 9.90 0.55 -14.61
CA ASN A 132 9.87 0.25 -16.03
C ASN A 132 9.75 -1.27 -16.19
N HIS A 133 9.59 -1.76 -17.42
CA HIS A 133 9.40 -3.21 -17.67
C HIS A 133 10.63 -4.03 -17.42
N ALA A 134 11.81 -3.40 -17.41
CA ALA A 134 13.06 -4.08 -17.10
C ALA A 134 13.22 -4.33 -15.59
N GLY A 135 12.35 -3.70 -14.76
CA GLY A 135 12.41 -3.83 -13.32
C GLY A 135 13.28 -2.84 -12.59
N ARG A 136 13.64 -1.70 -13.19
CA ARG A 136 14.48 -0.77 -12.43
C ARG A 136 13.84 -0.28 -11.14
N ARG A 137 14.62 -0.37 -10.07
CA ARG A 137 14.17 -0.04 -8.72
C ARG A 137 14.63 1.40 -8.38
N PRO A 138 13.75 2.31 -8.08
CA PRO A 138 14.13 3.72 -7.76
C PRO A 138 14.72 3.79 -6.36
N ASP A 139 15.68 4.66 -6.14
CA ASP A 139 16.14 4.93 -4.77
C ASP A 139 15.17 5.72 -4.01
N SER A 140 14.43 6.60 -4.68
CA SER A 140 13.57 7.51 -3.92
C SER A 140 12.08 7.36 -4.28
N LEU A 141 11.24 7.84 -3.38
CA LEU A 141 9.80 7.60 -3.51
C LEU A 141 9.21 8.23 -4.75
N GLN A 142 8.38 7.46 -5.46
CA GLN A 142 7.69 7.90 -6.69
C GLN A 142 6.20 7.94 -6.37
N HIS A 143 5.47 8.66 -7.17
CA HIS A 143 4.04 8.66 -7.01
C HIS A 143 3.31 8.87 -8.34
N VAL A 144 1.99 8.67 -8.29
CA VAL A 144 1.13 8.97 -9.42
C VAL A 144 -0.29 9.19 -8.92
N LEU A 145 -1.03 10.07 -9.59
CA LEU A 145 -2.43 10.30 -9.35
C LEU A 145 -3.25 9.43 -10.26
N LEU A 146 -4.17 8.67 -9.74
CA LEU A 146 -4.96 7.71 -10.52
C LEU A 146 -6.42 7.95 -10.24
N PRO A 147 -7.27 7.96 -11.28
CA PRO A 147 -8.71 8.09 -11.03
C PRO A 147 -9.36 6.72 -10.63
N VAL A 148 -10.27 6.78 -9.65
CA VAL A 148 -11.03 5.62 -9.26
C VAL A 148 -11.84 5.10 -10.41
N LEU A 149 -11.88 3.81 -10.64
CA LEU A 149 -12.64 3.20 -11.72
C LEU A 149 -13.80 2.52 -11.06
N ASP A 150 -15.03 2.80 -11.51
CA ASP A 150 -16.22 2.20 -10.90
C ASP A 150 -16.19 0.66 -10.91
N ARG A 151 -16.76 0.06 -9.89
CA ARG A 151 -16.59 -1.38 -9.68
C ARG A 151 -17.21 -2.19 -10.85
N ALA A 152 -18.35 -1.74 -11.35
CA ALA A 152 -18.94 -2.50 -12.44
C ALA A 152 -18.07 -2.54 -13.70
N THR A 153 -17.43 -1.44 -14.06
CA THR A 153 -16.46 -1.45 -15.19
C THR A 153 -15.31 -2.42 -14.86
N CYS A 154 -14.83 -2.29 -13.63
CA CYS A 154 -13.67 -3.11 -13.20
C CYS A 154 -14.01 -4.63 -13.25
N ASN A 155 -15.27 -4.95 -13.08
CA ASN A 155 -15.74 -6.34 -12.98
C ASN A 155 -16.13 -6.95 -14.34
N ARG A 156 -16.06 -6.16 -15.41
CA ARG A 156 -16.40 -6.71 -16.73
C ARG A 156 -15.42 -7.86 -17.07
N ARG A 157 -15.92 -8.81 -17.85
CA ARG A 157 -15.13 -9.92 -18.35
C ARG A 157 -13.82 -9.47 -18.94
N THR A 158 -13.81 -8.36 -19.68
CA THR A 158 -12.61 -7.84 -20.29
C THR A 158 -11.61 -7.34 -19.24
N HIS A 159 -12.04 -7.09 -18.00
CA HIS A 159 -11.19 -6.48 -16.97
C HIS A 159 -10.96 -7.57 -15.94
N HIS A 160 -11.51 -7.42 -14.76
CA HIS A 160 -11.28 -8.41 -13.64
C HIS A 160 -12.37 -9.44 -13.47
N ASP A 161 -13.36 -9.40 -14.39
CA ASP A 161 -14.22 -10.56 -14.55
C ASP A 161 -14.87 -11.07 -13.23
N GLY A 162 -15.55 -10.16 -12.55
CA GLY A 162 -16.30 -10.52 -11.35
C GLY A 162 -15.53 -10.65 -10.03
N ALA A 163 -14.22 -10.46 -10.05
CA ALA A 163 -13.42 -10.70 -8.81
C ALA A 163 -13.46 -9.51 -7.82
N ILE A 164 -14.02 -8.37 -8.26
CA ILE A 164 -13.99 -7.18 -7.40
C ILE A 164 -15.17 -7.21 -6.52
N THR A 165 -14.98 -7.65 -5.28
CA THR A 165 -16.06 -7.65 -4.28
C THR A 165 -16.35 -6.25 -3.74
N GLU A 166 -17.34 -6.14 -2.86
CA GLU A 166 -17.62 -4.87 -2.22
C GLU A 166 -16.50 -4.35 -1.34
N ARG A 167 -15.59 -5.26 -0.95
CA ARG A 167 -14.46 -4.94 -0.09
C ARG A 167 -13.24 -4.44 -0.82
N LEU A 168 -13.34 -4.41 -2.13
CA LEU A 168 -12.24 -3.97 -3.02
C LEU A 168 -12.67 -2.79 -3.90
N MET A 169 -11.67 -1.99 -4.34
CA MET A 169 -12.01 -0.95 -5.27
C MET A 169 -10.88 -0.92 -6.34
N CYS A 170 -11.15 -0.23 -7.44
CA CYS A 170 -10.22 -0.18 -8.52
C CYS A 170 -9.79 1.21 -8.85
N ALA A 171 -8.65 1.32 -9.52
CA ALA A 171 -8.22 2.65 -10.10
C ALA A 171 -7.71 2.32 -11.51
N GLU A 172 -7.81 3.29 -12.39
CA GLU A 172 -7.32 3.06 -13.75
C GLU A 172 -5.82 2.71 -13.75
N SER A 173 -5.41 2.00 -14.80
CA SER A 173 -4.05 1.48 -14.94
C SER A 173 -3.53 1.71 -16.31
N ASN A 174 -3.99 2.77 -16.97
CA ASN A 174 -3.53 3.03 -18.36
C ASN A 174 -2.19 3.71 -18.39
N ARG A 175 -1.08 2.96 -18.48
N ARG A 175 -1.15 2.89 -18.49
CA ARG A 175 0.28 3.56 -18.53
CA ARG A 175 0.23 3.32 -18.44
C ARG A 175 0.78 4.28 -17.26
C ARG A 175 0.66 3.73 -17.03
N ARG A 176 -0.12 4.59 -16.34
CA ARG A 176 0.21 5.00 -14.97
C ARG A 176 -0.37 3.93 -14.06
N ASP A 177 0.45 3.40 -13.13
CA ASP A 177 -0.03 2.24 -12.35
C ASP A 177 0.96 1.97 -11.21
N SER A 178 0.47 1.25 -10.20
CA SER A 178 1.31 0.64 -9.18
C SER A 178 1.86 -0.71 -9.72
N CYS A 179 3.09 -1.12 -9.35
CA CYS A 179 3.74 -2.28 -9.95
CA CYS A 179 3.62 -2.32 -9.90
C CYS A 179 4.43 -3.03 -8.79
N LYS A 180 5.24 -4.02 -9.14
CA LYS A 180 5.91 -4.86 -8.17
C LYS A 180 6.75 -3.96 -7.21
N GLY A 181 6.58 -4.15 -5.92
CA GLY A 181 7.24 -3.37 -4.90
C GLY A 181 6.39 -2.22 -4.36
N ASP A 182 5.27 -1.91 -5.01
CA ASP A 182 4.40 -0.88 -4.53
C ASP A 182 3.23 -1.48 -3.70
N SER A 183 3.07 -2.78 -3.70
CA SER A 183 1.96 -3.36 -3.00
CA SER A 183 1.92 -3.33 -3.00
C SER A 183 2.01 -3.13 -1.50
N GLY A 184 0.88 -3.05 -0.84
CA GLY A 184 0.87 -2.72 0.55
C GLY A 184 0.81 -1.23 0.81
N GLY A 185 1.12 -0.41 -0.20
CA GLY A 185 1.09 0.99 0.03
C GLY A 185 -0.31 1.61 -0.03
N PRO A 186 -0.33 2.90 0.26
CA PRO A 186 -1.65 3.56 0.43
C PRO A 186 -2.21 4.17 -0.85
N LEU A 187 -3.53 4.09 -0.98
CA LEU A 187 -4.26 4.86 -1.97
C LEU A 187 -5.04 5.93 -1.19
N VAL A 188 -4.65 7.19 -1.40
CA VAL A 188 -5.10 8.28 -0.58
C VAL A 188 -6.04 9.19 -1.42
N CYS A 189 -7.26 9.46 -0.92
CA CYS A 189 -8.24 10.22 -1.68
C CYS A 189 -8.74 11.28 -0.73
N GLY A 190 -8.66 12.53 -1.15
CA GLY A 190 -9.14 13.58 -0.29
C GLY A 190 -8.47 13.53 1.05
N GLY A 191 -6.98 13.34 1.03
CA GLY A 191 -6.26 13.37 2.26
C GLY A 191 -6.58 12.31 3.31
N VAL A 192 -7.36 11.32 2.91
CA VAL A 192 -7.71 10.19 3.84
C VAL A 192 -7.34 8.91 3.17
N LEU A 193 -6.86 7.93 3.94
CA LEU A 193 -6.52 6.62 3.39
C LEU A 193 -7.83 5.90 3.02
N GLU A 194 -7.92 5.50 1.76
CA GLU A 194 -9.06 4.80 1.24
C GLU A 194 -8.77 3.35 0.94
N GLY A 195 -7.56 3.04 0.44
CA GLY A 195 -7.27 1.69 -0.01
C GLY A 195 -5.84 1.30 0.29
N VAL A 196 -5.58 0.00 0.24
CA VAL A 196 -4.22 -0.53 0.36
C VAL A 196 -3.96 -1.34 -0.92
N VAL A 197 -2.84 -1.09 -1.61
CA VAL A 197 -2.59 -1.80 -2.88
C VAL A 197 -2.56 -3.28 -2.61
N THR A 198 -3.32 -4.05 -3.36
CA THR A 198 -3.19 -5.49 -3.23
C THR A 198 -1.80 -5.97 -3.69
N SER A 199 -1.42 -7.13 -3.19
CA SER A 199 -0.01 -7.59 -3.34
C SER A 199 0.11 -8.86 -4.13
N GLY A 200 -1.00 -9.33 -4.72
N GLY A 200 -0.89 -9.23 -4.90
CA GLY A 200 -0.95 -10.41 -5.74
CA GLY A 200 -0.64 -10.32 -5.84
C GLY A 200 -0.14 -9.96 -6.96
C GLY A 200 0.09 -10.28 -7.22
N SER A 201 0.35 -10.88 -7.74
N SER A 201 1.11 -9.47 -7.64
CA SER A 201 0.92 -10.52 -9.00
CA SER A 201 1.79 -9.79 -9.01
C SER A 201 -0.12 -9.90 -9.91
C SER A 201 1.14 -9.50 -10.41
N ARG A 202 0.15 -8.69 -10.38
CA ARG A 202 -0.65 -8.20 -11.46
C ARG A 202 0.17 -7.50 -12.52
N VAL A 203 -0.21 -7.65 -13.78
CA VAL A 203 0.46 -6.91 -14.83
C VAL A 203 0.42 -5.42 -14.51
N CYS A 204 1.47 -4.81 -14.90
CA CYS A 204 1.54 -3.36 -14.64
CA CYS A 204 1.74 -3.38 -14.66
C CYS A 204 1.34 -2.47 -15.85
N GLY A 205 0.39 -1.55 -15.71
CA GLY A 205 0.20 -0.51 -16.78
C GLY A 205 -0.67 -0.91 -17.95
N ASN A 206 -1.39 -2.03 -17.86
CA ASN A 206 -2.32 -2.45 -18.91
C ASN A 206 -3.68 -1.89 -18.51
N ARG A 207 -4.29 -1.01 -19.29
CA ARG A 207 -5.61 -0.43 -18.94
C ARG A 207 -6.69 -1.50 -18.77
N LYS A 208 -6.56 -2.68 -19.38
CA LYS A 208 -7.58 -3.71 -19.20
C LYS A 208 -7.43 -4.51 -17.92
N LYS A 209 -6.37 -4.22 -17.17
CA LYS A 209 -6.21 -4.95 -15.85
C LYS A 209 -6.00 -3.83 -14.82
N PRO A 210 -7.09 -3.17 -14.35
CA PRO A 210 -7.00 -2.03 -13.39
C PRO A 210 -6.32 -2.42 -12.09
N GLY A 211 -5.76 -1.42 -11.46
CA GLY A 211 -5.28 -1.59 -10.11
C GLY A 211 -6.38 -1.99 -9.14
N ILE A 212 -6.06 -2.89 -8.22
CA ILE A 212 -7.01 -3.37 -7.21
C ILE A 212 -6.51 -2.98 -5.83
N TYR A 213 -7.38 -2.43 -5.02
CA TYR A 213 -7.01 -1.86 -3.71
C TYR A 213 -7.99 -2.37 -2.69
N THR A 214 -7.52 -2.80 -1.52
CA THR A 214 -8.42 -3.22 -0.46
C THR A 214 -9.03 -2.01 0.22
N ARG A 215 -10.34 -1.95 0.39
CA ARG A 215 -10.98 -0.80 1.00
C ARG A 215 -10.87 -0.87 2.52
N VAL A 216 -10.15 0.10 3.09
CA VAL A 216 -9.87 0.01 4.51
C VAL A 216 -11.17 0.20 5.33
N ALA A 217 -12.18 0.86 4.81
CA ALA A 217 -13.38 1.10 5.58
C ALA A 217 -14.04 -0.26 5.81
N SER A 218 -13.90 -1.21 4.86
CA SER A 218 -14.54 -2.50 4.95
C SER A 218 -13.92 -3.37 6.04
N TYR A 219 -12.77 -2.97 6.53
CA TYR A 219 -12.00 -3.74 7.49
C TYR A 219 -11.79 -2.96 8.80
N ALA A 220 -12.60 -1.92 9.06
CA ALA A 220 -12.44 -1.02 10.22
C ALA A 220 -12.47 -1.80 11.52
N ALA A 221 -13.43 -2.73 11.65
CA ALA A 221 -13.47 -3.44 12.92
C ALA A 221 -12.27 -4.34 13.15
N TRP A 222 -11.73 -4.95 12.12
CA TRP A 222 -10.55 -5.73 12.27
C TRP A 222 -9.34 -4.87 12.66
N ILE A 223 -9.19 -3.72 11.97
CA ILE A 223 -8.04 -2.82 12.30
C ILE A 223 -8.17 -2.43 13.79
N ASP A 224 -9.39 -2.08 14.22
CA ASP A 224 -9.57 -1.62 15.61
C ASP A 224 -9.30 -2.77 16.57
N SER A 225 -9.70 -3.96 16.25
CA SER A 225 -9.45 -5.06 17.19
C SER A 225 -7.98 -5.39 17.34
N VAL A 226 -7.18 -5.35 16.27
CA VAL A 226 -5.76 -5.61 16.38
C VAL A 226 -5.14 -4.52 17.21
N LEU A 227 -5.38 -3.25 16.88
CA LEU A 227 -4.83 -2.24 17.78
C LEU A 227 -5.20 -2.39 19.25
N ALA A 228 -6.41 -2.86 19.54
CA ALA A 228 -6.80 -2.91 20.98
C ALA A 228 -5.99 -4.06 21.62
N SER A 229 -5.54 -5.06 20.82
CA SER A 229 -4.66 -6.21 21.22
C SER A 229 -3.44 -5.70 22.05
N ALA A 230 -3.03 -4.45 21.90
CA ALA A 230 -1.92 -3.83 22.70
C ALA A 230 -2.49 -3.39 24.05
C2 QJS B . 6.53 -11.75 -1.85
C3 QJS B . 7.01 -10.48 -2.22
C13 QJS B . 8.40 -7.65 -3.95
C15 QJS B . 9.56 -6.74 -3.93
C17 QJS B . 10.41 -6.53 -5.11
C19 QJS B . 10.91 -7.52 -4.08
C22 QJS B . 10.87 -5.05 -5.27
C23 QJS B . 10.45 -4.48 -6.46
C25 QJS B . 10.82 -3.17 -6.76
C27 QJS B . 11.52 -2.42 -5.77
C29 QJS B . 11.94 -3.02 -4.60
F1 QJS B . 7.38 -12.64 -1.29
C5 QJS B . 6.09 -9.62 -2.82
C6 QJS B . 4.77 -9.98 -3.01
N7 QJS B . 4.06 -8.94 -3.60
C9 QJS B . 4.89 -7.91 -3.83
C10 QJS B . 6.12 -8.20 -3.33
N11 QJS B . 7.24 -7.38 -3.34
O14 QJS B . 8.44 -8.75 -4.60
C31 QJS B . 11.59 -4.36 -4.36
C33 QJS B . 4.47 -6.67 -4.42
O34 QJS B . 5.05 -5.64 -4.31
O35 QJS B . 3.34 -6.72 -5.08
C37 QJS B . 4.26 -11.23 -2.63
C39 QJS B . 5.18 -12.11 -2.07
S SO4 C . -19.62 -0.15 -0.16
O1 SO4 C . -19.78 -1.16 0.99
O2 SO4 C . -20.89 0.55 -0.50
O3 SO4 C . -19.18 -0.90 -1.43
O4 SO4 C . -18.56 0.84 0.13
#